data_9N48
#
_entry.id   9N48
#
_cell.length_a   62.215
_cell.length_b   80.961
_cell.length_c   65.955
_cell.angle_alpha   90.00
_cell.angle_beta   106.23
_cell.angle_gamma   90.00
#
_symmetry.space_group_name_H-M   'P 1 21 1'
#
loop_
_entity.id
_entity.type
_entity.pdbx_description
1 polymer 'Glutathione S-transferase class-mu 26 kDa isozyme,Serine/threonine-protein kinase PAK 1'
2 non-polymer (6M)-8-[2-(2-aminoethoxy)ethyl]-6-[2-chloro-3-fluoro-4-(2-oxopyrrolidin-1-yl)phenyl]-2-(ethylamino)pyrido[2,3-d]pyrimidin-7(8H)-one
3 water water
#
_entity_poly.entity_id   1
_entity_poly.type   'polypeptide(L)'
_entity_poly.pdbx_seq_one_letter_code
;MHHHHHHHHGSPILGYWKIKGLVQPTRLLLEYLEEKYEEHLYERDEGDKWRNKKFELGLEFPNLPYYIDGDVKLTQSMAI
IRYIADKHNMLGGCPKERAEISMLEGAVLDIRYGVSRIAYSKDFETLKVDFLSKLPEMLKMFKDRLCHKTYLNGDHVTHP
DFMLYDALDVVLYMDPMCLDAFPKLVCFKKRIEAIPQIDKYLKSSKYIAWPLQGWQATFGGGDHPPKSDGENLYFQGSDE
EILEKLRSIVSVGDPKKKYTRFEKIGQGASGTVYTAMDVATGQEVAIKQMNLQQQPKKELIINEILVMRENKNPNIVNYL
DSYLVGDELWVVMEYLAGGSLTDVVTETCMDEGQIAAVCRECLQALEFLHSNQVIHRNIKSDNILLGMDGSVKLTDFGFC
AQITPEQSKRSEMVGTPYWMAPEVVTRKAYGPKVDIWSLGIMAIEMIEGEPPYLNENPLRALYLIATNGTPELQNPEKLS
AIFRDFLNRCLEMDVEKRGSAKELLQHQFLKIAKPLSSLTPLIAAAKEATKNNHGNS
;
_entity_poly.pdbx_strand_id   A,B
#
loop_
_chem_comp.id
_chem_comp.type
_chem_comp.name
_chem_comp.formula
A1BV1 non-polymer (6M)-8-[2-(2-aminoethoxy)ethyl]-6-[2-chloro-3-fluoro-4-(2-oxopyrrolidin-1-yl)phenyl]-2-(ethylamino)pyrido[2,3-d]pyrimidin-7(8H)-one 'C23 H26 Cl F N6 O3'
#
# COMPACT_ATOMS: atom_id res chain seq x y z
N SER A 238 6.25 22.32 -1.06
CA SER A 238 6.33 21.08 -0.29
C SER A 238 5.80 19.90 -1.11
N ASP A 239 4.53 19.55 -0.87
CA ASP A 239 3.88 18.50 -1.65
C ASP A 239 3.70 18.95 -3.10
N GLU A 240 3.31 20.21 -3.31
CA GLU A 240 3.28 20.75 -4.67
C GLU A 240 4.68 20.85 -5.26
N GLU A 241 5.68 21.10 -4.41
CA GLU A 241 7.07 21.17 -4.90
C GLU A 241 7.52 19.83 -5.45
N ILE A 242 7.29 18.75 -4.70
CA ILE A 242 7.73 17.44 -5.18
C ILE A 242 6.92 16.99 -6.39
N LEU A 243 5.65 17.41 -6.48
CA LEU A 243 4.87 17.12 -7.68
C LEU A 243 5.45 17.81 -8.90
N GLU A 244 5.76 19.11 -8.78
CA GLU A 244 6.37 19.81 -9.90
C GLU A 244 7.75 19.27 -10.21
N LYS A 245 8.48 18.79 -9.20
CA LYS A 245 9.75 18.13 -9.48
C LYS A 245 9.56 16.87 -10.32
N LEU A 246 8.55 16.06 -9.98
CA LEU A 246 8.25 14.89 -10.81
C LEU A 246 7.84 15.30 -12.23
N ARG A 247 6.95 16.28 -12.34
CA ARG A 247 6.50 16.69 -13.66
C ARG A 247 7.64 17.21 -14.52
N SER A 248 8.63 17.88 -13.91
CA SER A 248 9.71 18.48 -14.69
C SER A 248 10.60 17.43 -15.35
N ILE A 249 10.65 16.21 -14.84
CA ILE A 249 11.56 15.21 -15.41
C ILE A 249 10.88 14.35 -16.46
N VAL A 250 9.61 14.58 -16.74
CA VAL A 250 8.85 13.83 -17.74
C VAL A 250 8.46 14.77 -18.87
N SER A 251 8.64 14.31 -20.11
N SER A 251 8.64 14.31 -20.11
CA SER A 251 8.22 15.09 -21.26
CA SER A 251 8.22 15.12 -21.25
C SER A 251 6.69 15.13 -21.37
C SER A 251 6.70 15.13 -21.38
N VAL A 252 6.17 16.26 -21.82
CA VAL A 252 4.73 16.40 -22.07
C VAL A 252 4.45 15.95 -23.49
N GLY A 253 3.62 14.92 -23.63
CA GLY A 253 3.27 14.43 -24.95
C GLY A 253 2.19 13.38 -24.88
N ASP A 254 1.76 12.95 -26.07
CA ASP A 254 0.72 11.93 -26.21
C ASP A 254 1.35 10.57 -26.44
N PRO A 255 1.17 9.61 -25.53
CA PRO A 255 1.75 8.27 -25.74
C PRO A 255 1.20 7.58 -26.98
N LYS A 256 0.00 7.96 -27.42
CA LYS A 256 -0.62 7.39 -28.62
C LYS A 256 0.08 7.77 -29.91
N LYS A 257 0.97 8.76 -29.91
CA LYS A 257 1.67 9.01 -31.17
C LYS A 257 2.77 7.98 -31.43
N LYS A 258 3.41 7.47 -30.38
CA LYS A 258 4.45 6.47 -30.58
C LYS A 258 3.95 5.03 -30.33
N TYR A 259 2.88 4.84 -29.56
CA TYR A 259 2.45 3.51 -29.17
C TYR A 259 0.97 3.29 -29.48
N THR A 260 0.63 2.05 -29.80
CA THR A 260 -0.73 1.65 -30.10
C THR A 260 -0.98 0.27 -29.49
N ARG A 261 -2.18 -0.26 -29.74
CA ARG A 261 -2.55 -1.61 -29.28
C ARG A 261 -2.50 -1.73 -27.76
N PHE A 262 -3.02 -0.71 -27.06
CA PHE A 262 -3.04 -0.77 -25.61
C PHE A 262 -4.00 -1.85 -25.15
N GLU A 263 -3.53 -2.75 -24.29
CA GLU A 263 -4.36 -3.83 -23.77
C GLU A 263 -4.01 -4.03 -22.30
N LYS A 264 -5.02 -3.98 -21.43
CA LYS A 264 -4.80 -4.07 -19.99
C LYS A 264 -4.41 -5.48 -19.58
N ILE A 265 -3.38 -5.59 -18.72
CA ILE A 265 -2.96 -6.88 -18.20
C ILE A 265 -2.92 -6.90 -16.67
N GLY A 266 -3.28 -5.80 -16.00
CA GLY A 266 -3.23 -5.80 -14.55
C GLY A 266 -3.44 -4.43 -13.91
N GLN A 267 -3.88 -4.45 -12.66
CA GLN A 267 -4.13 -3.23 -11.90
C GLN A 267 -3.55 -3.36 -10.50
N GLY A 268 -2.74 -2.36 -10.12
CA GLY A 268 -2.16 -2.30 -8.80
C GLY A 268 -2.39 -0.93 -8.18
N ALA A 269 -1.97 -0.79 -6.93
CA ALA A 269 -1.98 0.51 -6.29
C ALA A 269 -1.05 1.48 -6.99
N SER A 270 -0.05 0.97 -7.70
CA SER A 270 0.84 1.83 -8.47
C SER A 270 0.18 2.35 -9.73
N GLY A 271 -0.91 1.73 -10.17
CA GLY A 271 -1.60 2.18 -11.36
C GLY A 271 -2.05 1.02 -12.19
N THR A 272 -2.39 1.31 -13.44
CA THR A 272 -2.85 0.32 -14.40
C THR A 272 -1.70 -0.04 -15.34
N VAL A 273 -1.51 -1.33 -15.58
CA VAL A 273 -0.41 -1.82 -16.42
C VAL A 273 -1.00 -2.36 -17.72
N TYR A 274 -0.46 -1.89 -18.84
CA TYR A 274 -0.88 -2.31 -20.17
C TYR A 274 0.30 -2.93 -20.91
N THR A 275 -0.03 -3.71 -21.93
CA THR A 275 0.90 -3.95 -23.03
C THR A 275 0.52 -3.04 -24.18
N ALA A 276 1.51 -2.74 -25.03
CA ALA A 276 1.29 -1.90 -26.20
C ALA A 276 2.41 -2.19 -27.18
N MET A 277 2.35 -1.54 -28.34
CA MET A 277 3.33 -1.79 -29.39
C MET A 277 3.87 -0.49 -29.97
N ASP A 278 5.19 -0.44 -30.14
CA ASP A 278 5.84 0.65 -30.85
C ASP A 278 5.36 0.66 -32.30
N VAL A 279 4.75 1.77 -32.70
N VAL A 279 4.76 1.78 -32.70
CA VAL A 279 4.13 1.83 -34.04
CA VAL A 279 4.13 1.85 -34.01
C VAL A 279 5.19 1.68 -35.12
C VAL A 279 5.14 1.84 -35.16
N ALA A 280 6.40 2.19 -34.89
CA ALA A 280 7.41 2.21 -35.94
C ALA A 280 8.29 0.96 -35.98
N THR A 281 8.50 0.30 -34.84
CA THR A 281 9.39 -0.85 -34.80
C THR A 281 8.70 -2.16 -34.49
N GLY A 282 7.47 -2.12 -33.98
CA GLY A 282 6.79 -3.34 -33.57
C GLY A 282 7.18 -3.88 -32.22
N GLN A 283 8.05 -3.18 -31.48
CA GLN A 283 8.43 -3.65 -30.14
C GLN A 283 7.22 -3.66 -29.21
N GLU A 284 7.03 -4.80 -28.51
CA GLU A 284 6.04 -4.89 -27.45
C GLU A 284 6.59 -4.22 -26.19
N VAL A 285 5.75 -3.43 -25.51
CA VAL A 285 6.18 -2.68 -24.34
C VAL A 285 5.15 -2.80 -23.23
N ALA A 286 5.58 -2.53 -22.01
CA ALA A 286 4.72 -2.46 -20.84
C ALA A 286 4.61 -1.00 -20.43
N ILE A 287 3.38 -0.52 -20.25
CA ILE A 287 3.12 0.88 -19.93
C ILE A 287 2.26 0.94 -18.68
N LYS A 288 2.75 1.64 -17.66
CA LYS A 288 1.98 1.85 -16.44
C LYS A 288 1.41 3.25 -16.44
N GLN A 289 0.12 3.36 -16.15
CA GLN A 289 -0.61 4.62 -16.10
C GLN A 289 -0.86 5.00 -14.64
N MET A 290 -0.44 6.21 -14.25
CA MET A 290 -0.53 6.67 -12.86
C MET A 290 -1.16 8.05 -12.78
N ASN A 291 -2.13 8.21 -11.87
CA ASN A 291 -2.68 9.51 -11.50
C ASN A 291 -1.79 10.13 -10.43
N LEU A 292 -1.05 11.18 -10.79
CA LEU A 292 -0.14 11.79 -9.83
C LEU A 292 -0.86 12.44 -8.65
N GLN A 293 -2.06 12.99 -8.88
CA GLN A 293 -2.86 13.53 -7.78
C GLN A 293 -3.23 12.49 -6.73
N GLN A 294 -3.10 11.20 -7.04
CA GLN A 294 -3.47 10.14 -6.13
C GLN A 294 -2.31 9.23 -5.75
N GLN A 295 -1.09 9.53 -6.17
CA GLN A 295 0.09 8.78 -5.74
C GLN A 295 0.59 9.25 -4.38
N PRO A 296 0.77 8.32 -3.41
CA PRO A 296 1.16 8.72 -2.04
C PRO A 296 2.58 9.27 -1.95
N LYS A 297 3.54 8.55 -2.51
CA LYS A 297 4.97 8.77 -2.30
C LYS A 297 5.61 9.13 -3.64
N LYS A 298 5.36 10.35 -4.11
CA LYS A 298 5.89 10.79 -5.40
C LYS A 298 7.41 10.82 -5.41
N GLU A 299 8.04 11.09 -4.26
CA GLU A 299 9.49 11.08 -4.18
C GLU A 299 10.06 9.74 -4.62
N LEU A 300 9.34 8.66 -4.32
CA LEU A 300 9.76 7.33 -4.73
C LEU A 300 9.67 7.16 -6.25
N ILE A 301 8.65 7.72 -6.87
CA ILE A 301 8.54 7.65 -8.33
C ILE A 301 9.70 8.37 -8.97
N ILE A 302 10.07 9.53 -8.43
CA ILE A 302 11.18 10.31 -8.96
C ILE A 302 12.46 9.49 -8.91
N ASN A 303 12.73 8.89 -7.76
N ASN A 303 12.74 8.88 -7.76
CA ASN A 303 13.95 8.09 -7.60
CA ASN A 303 13.95 8.09 -7.61
C ASN A 303 14.00 6.93 -8.57
C ASN A 303 13.99 6.94 -8.59
N GLU A 304 12.88 6.20 -8.72
CA GLU A 304 12.89 5.02 -9.59
C GLU A 304 13.11 5.42 -11.04
N ILE A 305 12.46 6.49 -11.51
CA ILE A 305 12.67 6.93 -12.89
C ILE A 305 14.12 7.37 -13.10
N LEU A 306 14.64 8.17 -12.17
CA LEU A 306 16.01 8.64 -12.31
C LEU A 306 17.00 7.49 -12.32
N VAL A 307 16.82 6.51 -11.42
CA VAL A 307 17.74 5.38 -11.35
C VAL A 307 17.67 4.55 -12.64
N MET A 308 16.46 4.29 -13.14
CA MET A 308 16.32 3.49 -14.36
C MET A 308 16.98 4.18 -15.55
N ARG A 309 16.81 5.51 -15.66
CA ARG A 309 17.39 6.24 -16.78
C ARG A 309 18.90 6.16 -16.78
N GLU A 310 19.49 6.14 -15.59
CA GLU A 310 20.94 6.18 -15.42
C GLU A 310 21.59 4.81 -15.40
N ASN A 311 20.82 3.72 -15.32
CA ASN A 311 21.40 2.39 -15.13
C ASN A 311 20.71 1.37 -16.05
N LYS A 312 20.95 1.47 -17.35
CA LYS A 312 20.40 0.50 -18.27
C LYS A 312 21.35 -0.69 -18.41
N ASN A 313 20.77 -1.89 -18.54
CA ASN A 313 21.56 -3.12 -18.51
C ASN A 313 20.72 -4.26 -19.07
N PRO A 314 21.32 -5.21 -19.79
CA PRO A 314 20.52 -6.32 -20.34
C PRO A 314 19.78 -7.16 -19.30
N ASN A 315 20.22 -7.19 -18.04
CA ASN A 315 19.54 -8.00 -17.02
C ASN A 315 18.63 -7.16 -16.14
N ILE A 316 18.22 -6.00 -16.62
CA ILE A 316 17.27 -5.13 -15.94
C ILE A 316 16.11 -4.83 -16.88
N VAL A 317 14.89 -4.82 -16.35
CA VAL A 317 13.74 -4.41 -17.15
C VAL A 317 13.92 -2.91 -17.43
N ASN A 318 14.24 -2.56 -18.65
CA ASN A 318 14.71 -1.20 -18.91
C ASN A 318 13.57 -0.20 -19.13
N TYR A 319 13.85 1.04 -18.74
CA TYR A 319 12.99 2.17 -19.01
C TYR A 319 13.18 2.65 -20.44
N LEU A 320 12.07 2.88 -21.14
CA LEU A 320 12.08 3.32 -22.54
C LEU A 320 11.68 4.78 -22.68
N ASP A 321 10.55 5.18 -22.10
CA ASP A 321 10.03 6.52 -22.31
C ASP A 321 9.00 6.80 -21.22
N SER A 322 8.61 8.07 -21.11
CA SER A 322 7.55 8.45 -20.19
C SER A 322 6.88 9.72 -20.70
N TYR A 323 5.62 9.93 -20.31
CA TYR A 323 4.80 11.02 -20.83
C TYR A 323 3.92 11.60 -19.74
N LEU A 324 3.79 12.92 -19.75
CA LEU A 324 2.82 13.64 -18.93
C LEU A 324 1.59 13.95 -19.75
N VAL A 325 0.44 13.39 -19.35
CA VAL A 325 -0.85 13.67 -19.99
C VAL A 325 -1.74 14.29 -18.91
N GLY A 326 -1.73 15.62 -18.83
CA GLY A 326 -2.49 16.30 -17.80
C GLY A 326 -2.00 15.87 -16.43
N ASP A 327 -2.89 15.25 -15.66
CA ASP A 327 -2.54 14.72 -14.34
C ASP A 327 -2.17 13.26 -14.40
N GLU A 328 -1.96 12.71 -15.60
CA GLU A 328 -1.57 11.31 -15.77
C GLU A 328 -0.10 11.20 -16.18
N LEU A 329 0.61 10.29 -15.53
CA LEU A 329 1.97 9.90 -15.90
C LEU A 329 1.90 8.52 -16.55
N TRP A 330 2.43 8.39 -17.76
CA TRP A 330 2.55 7.11 -18.46
C TRP A 330 4.02 6.73 -18.55
N VAL A 331 4.38 5.57 -18.01
CA VAL A 331 5.77 5.11 -18.00
C VAL A 331 5.87 3.89 -18.90
N VAL A 332 6.85 3.89 -19.81
CA VAL A 332 7.02 2.85 -20.80
C VAL A 332 8.28 2.06 -20.47
N MET A 333 8.12 0.74 -20.28
CA MET A 333 9.19 -0.18 -19.95
C MET A 333 9.24 -1.30 -20.98
N GLU A 334 10.37 -2.00 -21.02
CA GLU A 334 10.43 -3.25 -21.78
C GLU A 334 9.36 -4.21 -21.25
N TYR A 335 8.82 -5.04 -22.15
CA TYR A 335 7.81 -6.02 -21.76
C TYR A 335 8.41 -7.42 -21.80
N LEU A 336 8.25 -8.16 -20.71
CA LEU A 336 8.80 -9.51 -20.57
C LEU A 336 7.63 -10.48 -20.62
N ALA A 337 7.48 -11.19 -21.74
CA ALA A 337 6.27 -11.98 -21.95
C ALA A 337 6.28 -13.32 -21.20
N GLY A 338 7.41 -13.71 -20.62
CA GLY A 338 7.45 -14.98 -19.90
C GLY A 338 6.86 -14.97 -18.51
N GLY A 339 6.46 -13.81 -17.99
CA GLY A 339 5.89 -13.74 -16.67
C GLY A 339 6.96 -13.65 -15.60
N SER A 340 6.52 -13.75 -14.36
CA SER A 340 7.42 -13.63 -13.21
C SER A 340 8.07 -14.97 -12.84
N LEU A 341 9.22 -14.87 -12.19
CA LEU A 341 9.84 -16.05 -11.60
C LEU A 341 8.95 -16.65 -10.51
N THR A 342 8.14 -15.83 -9.81
CA THR A 342 7.22 -16.37 -8.79
C THR A 342 6.30 -17.45 -9.36
N ASP A 343 5.73 -17.20 -10.54
CA ASP A 343 4.85 -18.20 -11.14
C ASP A 343 5.61 -19.51 -11.36
N VAL A 344 6.87 -19.42 -11.78
CA VAL A 344 7.69 -20.63 -11.98
C VAL A 344 7.99 -21.33 -10.65
N VAL A 345 8.44 -20.58 -9.64
CA VAL A 345 8.88 -21.27 -8.41
C VAL A 345 7.71 -21.90 -7.67
N THR A 346 6.52 -21.31 -7.78
CA THR A 346 5.40 -21.85 -7.04
C THR A 346 4.68 -22.97 -7.77
N GLU A 347 4.95 -23.17 -9.06
CA GLU A 347 4.22 -24.15 -9.85
C GLU A 347 5.07 -25.22 -10.51
N THR A 348 6.40 -25.17 -10.39
CA THR A 348 7.27 -26.11 -11.06
C THR A 348 8.39 -26.58 -10.13
N CYS A 349 9.05 -27.64 -10.54
CA CYS A 349 10.29 -28.09 -9.93
C CYS A 349 11.45 -27.70 -10.86
N MET A 350 12.37 -26.87 -10.35
CA MET A 350 13.54 -26.45 -11.11
C MET A 350 14.72 -27.36 -10.76
N ASP A 351 15.50 -27.74 -11.77
CA ASP A 351 16.69 -28.51 -11.45
C ASP A 351 17.86 -27.56 -11.20
N GLU A 352 18.98 -28.10 -10.71
CA GLU A 352 20.07 -27.21 -10.30
C GLU A 352 20.66 -26.43 -11.47
N GLY A 353 20.67 -27.00 -12.67
CA GLY A 353 21.15 -26.25 -13.82
C GLY A 353 20.28 -25.05 -14.16
N GLN A 354 18.96 -25.19 -14.02
CA GLN A 354 18.08 -24.05 -14.25
C GLN A 354 18.23 -23.00 -13.15
N ILE A 355 18.37 -23.46 -11.91
CA ILE A 355 18.57 -22.52 -10.80
C ILE A 355 19.88 -21.77 -10.98
N ALA A 356 20.95 -22.50 -11.34
CA ALA A 356 22.24 -21.87 -11.56
C ALA A 356 22.17 -20.80 -12.66
N ALA A 357 21.42 -21.07 -13.74
CA ALA A 357 21.28 -20.09 -14.82
C ALA A 357 20.61 -18.82 -14.33
N VAL A 358 19.50 -18.98 -13.59
CA VAL A 358 18.78 -17.82 -13.04
C VAL A 358 19.69 -17.03 -12.10
N CYS A 359 20.39 -17.72 -11.21
CA CYS A 359 21.29 -17.04 -10.27
C CYS A 359 22.36 -16.23 -11.00
N ARG A 360 22.95 -16.81 -12.05
CA ARG A 360 24.00 -16.09 -12.77
C ARG A 360 23.46 -14.82 -13.41
N GLU A 361 22.28 -14.89 -14.04
CA GLU A 361 21.72 -13.70 -14.65
C GLU A 361 21.43 -12.62 -13.60
N CYS A 362 20.92 -13.03 -12.43
CA CYS A 362 20.65 -12.06 -11.37
C CYS A 362 21.94 -11.47 -10.80
N LEU A 363 22.98 -12.29 -10.64
CA LEU A 363 24.25 -11.77 -10.17
C LEU A 363 24.88 -10.81 -11.16
N GLN A 364 24.66 -11.02 -12.47
CA GLN A 364 25.15 -10.05 -13.44
C GLN A 364 24.48 -8.69 -13.26
N ALA A 365 23.17 -8.67 -13.01
CA ALA A 365 22.49 -7.40 -12.74
C ALA A 365 23.02 -6.74 -11.47
N LEU A 366 23.23 -7.55 -10.43
CA LEU A 366 23.69 -7.00 -9.14
C LEU A 366 25.13 -6.49 -9.24
N GLU A 367 26.01 -7.22 -9.93
CA GLU A 367 27.37 -6.72 -10.11
C GLU A 367 27.36 -5.36 -10.78
N PHE A 368 26.55 -5.21 -11.82
CA PHE A 368 26.43 -3.93 -12.51
C PHE A 368 25.90 -2.85 -11.58
N LEU A 369 24.80 -3.13 -10.89
CA LEU A 369 24.19 -2.13 -10.01
C LEU A 369 25.14 -1.73 -8.88
N HIS A 370 25.76 -2.72 -8.22
CA HIS A 370 26.63 -2.40 -7.09
C HIS A 370 27.84 -1.62 -7.54
N SER A 371 28.42 -1.97 -8.69
CA SER A 371 29.51 -1.19 -9.24
C SER A 371 29.09 0.25 -9.51
N ASN A 372 27.79 0.51 -9.65
CA ASN A 372 27.27 1.87 -9.81
C ASN A 372 26.67 2.44 -8.52
N GLN A 373 26.95 1.81 -7.38
CA GLN A 373 26.51 2.30 -6.06
C GLN A 373 24.99 2.30 -5.91
N VAL A 374 24.29 1.38 -6.58
CA VAL A 374 22.85 1.20 -6.41
C VAL A 374 22.62 -0.10 -5.67
N ILE A 375 21.86 -0.04 -4.57
CA ILE A 375 21.38 -1.22 -3.86
C ILE A 375 19.89 -1.39 -4.12
N HIS A 376 19.47 -2.57 -4.60
CA HIS A 376 18.07 -2.75 -4.95
C HIS A 376 17.18 -2.83 -3.71
N ARG A 377 17.57 -3.65 -2.74
CA ARG A 377 16.91 -3.81 -1.42
C ARG A 377 15.58 -4.54 -1.46
N ASN A 378 15.06 -4.87 -2.64
CA ASN A 378 13.78 -5.59 -2.69
C ASN A 378 13.85 -6.74 -3.72
N ILE A 379 14.96 -7.48 -3.72
CA ILE A 379 15.11 -8.68 -4.54
C ILE A 379 14.19 -9.79 -4.03
N LYS A 380 13.35 -10.34 -4.93
CA LYS A 380 12.51 -11.49 -4.66
C LYS A 380 12.02 -12.02 -6.00
N SER A 381 11.47 -13.23 -6.01
CA SER A 381 11.10 -13.80 -7.29
C SER A 381 10.03 -12.96 -7.99
N ASP A 382 9.21 -12.22 -7.21
CA ASP A 382 8.16 -11.37 -7.77
C ASP A 382 8.71 -10.26 -8.65
N ASN A 383 9.96 -9.88 -8.45
CA ASN A 383 10.61 -8.78 -9.16
C ASN A 383 11.63 -9.28 -10.17
N ILE A 384 11.61 -10.58 -10.48
CA ILE A 384 12.38 -11.16 -11.57
C ILE A 384 11.38 -11.54 -12.67
N LEU A 385 11.52 -10.93 -13.86
CA LEU A 385 10.65 -11.22 -15.00
C LEU A 385 11.45 -11.98 -16.05
N LEU A 386 10.74 -12.85 -16.80
CA LEU A 386 11.37 -13.75 -17.77
C LEU A 386 10.91 -13.44 -19.18
N GLY A 387 11.83 -13.51 -20.13
CA GLY A 387 11.45 -13.41 -21.53
C GLY A 387 11.05 -14.74 -22.10
N MET A 388 10.36 -14.70 -23.24
CA MET A 388 9.95 -15.95 -23.89
C MET A 388 11.12 -16.77 -24.38
N ASP A 389 12.32 -16.18 -24.45
CA ASP A 389 13.54 -16.90 -24.76
C ASP A 389 14.30 -17.31 -23.51
N GLY A 390 13.70 -17.17 -22.33
CA GLY A 390 14.41 -17.48 -21.12
C GLY A 390 15.27 -16.37 -20.55
N SER A 391 15.22 -15.17 -21.11
CA SER A 391 16.00 -14.08 -20.52
C SER A 391 15.45 -13.75 -19.14
N VAL A 392 16.33 -13.23 -18.28
CA VAL A 392 16.05 -13.03 -16.86
C VAL A 392 16.38 -11.58 -16.53
N LYS A 393 15.40 -10.81 -16.02
CA LYS A 393 15.63 -9.39 -15.78
C LYS A 393 14.99 -8.94 -14.48
N LEU A 394 15.69 -8.05 -13.79
CA LEU A 394 15.26 -7.49 -12.53
C LEU A 394 14.43 -6.22 -12.71
N THR A 395 13.39 -6.05 -11.90
CA THR A 395 12.49 -4.90 -12.01
C THR A 395 12.19 -4.33 -10.62
N ASP A 396 11.33 -3.30 -10.59
CA ASP A 396 10.79 -2.64 -9.37
C ASP A 396 11.72 -1.94 -8.39
N PHE A 397 12.46 -0.98 -8.94
CA PHE A 397 13.56 -0.31 -8.24
C PHE A 397 13.09 0.77 -7.25
N GLY A 398 11.80 0.82 -6.91
CA GLY A 398 11.37 1.96 -6.09
C GLY A 398 11.83 1.91 -4.65
N PHE A 399 12.41 0.80 -4.21
CA PHE A 399 12.96 0.71 -2.86
C PHE A 399 14.47 0.89 -2.86
N CYS A 400 15.07 1.12 -4.03
CA CYS A 400 16.52 1.11 -4.15
C CYS A 400 17.15 2.30 -3.42
N ALA A 401 18.43 2.15 -3.11
CA ALA A 401 19.21 3.20 -2.47
C ALA A 401 20.47 3.48 -3.27
N GLN A 402 20.85 4.74 -3.35
CA GLN A 402 22.11 5.11 -3.97
C GLN A 402 23.07 5.50 -2.87
N ILE A 403 24.21 4.81 -2.81
CA ILE A 403 25.20 5.07 -1.77
C ILE A 403 26.32 5.92 -2.34
N THR A 404 27.05 6.58 -1.46
CA THR A 404 28.12 7.49 -1.82
C THR A 404 29.30 7.26 -0.88
N PRO A 405 30.50 7.77 -1.19
CA PRO A 405 31.61 7.65 -0.22
C PRO A 405 31.29 8.14 1.18
N GLU A 406 30.74 9.35 1.33
CA GLU A 406 30.46 9.90 2.66
C GLU A 406 29.21 9.31 3.30
N GLN A 407 28.49 8.42 2.60
CA GLN A 407 27.30 7.74 3.09
C GLN A 407 27.21 6.41 2.35
N SER A 408 28.12 5.50 2.70
CA SER A 408 28.24 4.21 2.02
C SER A 408 27.36 3.14 2.62
N LYS A 409 26.64 3.42 3.70
CA LYS A 409 25.73 2.45 4.31
C LYS A 409 24.38 3.10 4.62
N ARG A 410 23.36 2.25 4.69
CA ARG A 410 22.00 2.57 5.07
C ARG A 410 21.62 1.87 6.37
N SER A 411 20.51 2.29 6.98
CA SER A 411 20.10 1.72 8.25
C SER A 411 18.62 1.41 8.38
N GLU A 412 17.82 1.86 7.40
CA GLU A 412 16.34 1.71 7.45
C GLU A 412 15.81 0.31 7.13
N MET A 413 14.74 -0.11 7.81
CA MET A 413 14.11 -1.42 7.56
C MET A 413 13.29 -1.35 6.28
N VAL A 414 14.00 -1.44 5.16
CA VAL A 414 13.41 -1.38 3.82
C VAL A 414 13.48 -2.78 3.20
N GLY A 415 12.37 -3.23 2.61
CA GLY A 415 12.37 -4.53 1.95
C GLY A 415 11.05 -5.25 2.16
N THR A 416 11.00 -6.50 1.72
CA THR A 416 9.88 -7.38 1.98
C THR A 416 10.32 -8.38 3.03
N PRO A 417 9.60 -8.50 4.15
CA PRO A 417 10.17 -9.19 5.34
C PRO A 417 10.89 -10.51 5.07
N TYR A 418 10.25 -11.42 4.34
CA TYR A 418 10.82 -12.76 4.22
C TYR A 418 12.16 -12.75 3.51
N TRP A 419 12.43 -11.74 2.68
CA TRP A 419 13.67 -11.67 1.91
C TRP A 419 14.74 -10.77 2.54
N MET A 420 14.45 -10.11 3.67
CA MET A 420 15.36 -9.11 4.21
C MET A 420 16.52 -9.77 4.97
N ALA A 421 17.73 -9.25 4.76
CA ALA A 421 18.89 -9.73 5.48
C ALA A 421 18.80 -9.37 6.96
N PRO A 422 19.44 -10.14 7.86
CA PRO A 422 19.33 -9.84 9.29
C PRO A 422 19.81 -8.45 9.68
N GLU A 423 20.88 -7.96 9.04
CA GLU A 423 21.37 -6.64 9.39
C GLU A 423 20.36 -5.54 9.06
N VAL A 424 19.50 -5.79 8.05
CA VAL A 424 18.42 -4.84 7.74
C VAL A 424 17.33 -4.94 8.80
N VAL A 425 16.93 -6.18 9.11
CA VAL A 425 15.83 -6.39 10.05
C VAL A 425 16.18 -5.79 11.41
N THR A 426 17.45 -5.89 11.82
CA THR A 426 17.89 -5.37 13.12
C THR A 426 18.46 -3.95 13.06
N ARG A 427 18.29 -3.24 11.95
CA ARG A 427 18.63 -1.81 11.84
C ARG A 427 20.11 -1.54 12.11
N LYS A 428 20.98 -2.42 11.61
CA LYS A 428 22.41 -2.15 11.61
C LYS A 428 22.80 -1.45 10.31
N ALA A 429 23.98 -0.83 10.31
CA ALA A 429 24.50 -0.25 9.08
C ALA A 429 24.72 -1.37 8.06
N TYR A 430 24.24 -1.17 6.83
CA TYR A 430 24.31 -2.23 5.84
C TYR A 430 24.65 -1.66 4.47
N GLY A 431 25.08 -2.56 3.58
CA GLY A 431 25.49 -2.19 2.25
C GLY A 431 24.94 -3.09 1.17
N PRO A 432 25.62 -3.11 0.03
CA PRO A 432 25.11 -3.86 -1.14
C PRO A 432 24.90 -5.35 -0.90
N LYS A 433 25.60 -5.95 0.06
CA LYS A 433 25.47 -7.40 0.23
C LYS A 433 24.11 -7.81 0.78
N VAL A 434 23.26 -6.85 1.16
CA VAL A 434 21.89 -7.24 1.50
C VAL A 434 21.18 -7.82 0.29
N ASP A 435 21.54 -7.36 -0.93
CA ASP A 435 20.95 -7.91 -2.14
C ASP A 435 21.41 -9.34 -2.36
N ILE A 436 22.64 -9.66 -1.94
CA ILE A 436 23.16 -11.03 -2.04
C ILE A 436 22.39 -11.96 -1.12
N TRP A 437 22.12 -11.50 0.10
CA TRP A 437 21.25 -12.25 1.01
C TRP A 437 19.89 -12.53 0.38
N SER A 438 19.24 -11.48 -0.16
CA SER A 438 17.92 -11.67 -0.75
C SER A 438 17.98 -12.63 -1.94
N LEU A 439 19.06 -12.59 -2.73
CA LEU A 439 19.23 -13.58 -3.79
C LEU A 439 19.29 -14.99 -3.23
N GLY A 440 19.99 -15.16 -2.10
CA GLY A 440 20.01 -16.45 -1.43
C GLY A 440 18.63 -16.93 -1.04
N ILE A 441 17.80 -16.01 -0.50
CA ILE A 441 16.41 -16.37 -0.19
C ILE A 441 15.66 -16.75 -1.47
N MET A 442 15.93 -16.05 -2.57
CA MET A 442 15.27 -16.41 -3.83
C MET A 442 15.73 -17.78 -4.33
N ALA A 443 16.97 -18.17 -4.06
CA ALA A 443 17.39 -19.53 -4.40
C ALA A 443 16.66 -20.56 -3.54
N ILE A 444 16.38 -20.24 -2.27
CA ILE A 444 15.53 -21.10 -1.46
C ILE A 444 14.13 -21.20 -2.05
N GLU A 445 13.59 -20.07 -2.57
CA GLU A 445 12.34 -20.14 -3.29
C GLU A 445 12.42 -21.13 -4.43
N MET A 446 13.52 -21.10 -5.18
CA MET A 446 13.66 -21.99 -6.33
C MET A 446 13.74 -23.45 -5.91
N ILE A 447 14.34 -23.71 -4.74
CA ILE A 447 14.48 -25.08 -4.23
C ILE A 447 13.17 -25.57 -3.62
N GLU A 448 12.59 -24.77 -2.71
CA GLU A 448 11.49 -25.21 -1.87
C GLU A 448 10.13 -24.66 -2.26
N GLY A 449 10.08 -23.64 -3.11
CA GLY A 449 8.84 -23.02 -3.56
C GLY A 449 8.42 -21.79 -2.78
N GLU A 450 9.10 -21.48 -1.67
CA GLU A 450 8.73 -20.36 -0.82
C GLU A 450 9.98 -19.90 -0.09
N PRO A 451 10.02 -18.63 0.32
CA PRO A 451 11.07 -18.19 1.24
C PRO A 451 10.83 -18.80 2.60
N PRO A 452 11.85 -18.86 3.47
CA PRO A 452 11.57 -19.33 4.83
C PRO A 452 10.53 -18.47 5.52
N TYR A 453 9.75 -19.13 6.37
CA TYR A 453 8.77 -18.55 7.28
C TYR A 453 7.54 -17.95 6.58
N LEU A 454 7.31 -18.25 5.29
CA LEU A 454 6.18 -17.64 4.58
C LEU A 454 4.83 -17.91 5.25
N ASN A 455 4.69 -19.04 5.94
CA ASN A 455 3.40 -19.30 6.58
C ASN A 455 3.19 -18.45 7.83
N GLU A 456 4.20 -17.72 8.28
CA GLU A 456 4.13 -16.86 9.45
C GLU A 456 3.74 -15.45 9.03
N ASN A 457 3.24 -14.67 9.99
CA ASN A 457 2.97 -13.26 9.74
C ASN A 457 4.27 -12.51 9.49
N PRO A 458 4.22 -11.42 8.72
CA PRO A 458 5.46 -10.69 8.39
C PRO A 458 6.23 -10.23 9.62
N LEU A 459 5.54 -9.80 10.68
CA LEU A 459 6.26 -9.39 11.89
C LEU A 459 6.92 -10.58 12.56
N ARG A 460 6.22 -11.71 12.64
CA ARG A 460 6.82 -12.92 13.20
C ARG A 460 8.01 -13.36 12.35
N ALA A 461 7.89 -13.27 11.03
CA ALA A 461 9.02 -13.61 10.17
C ALA A 461 10.21 -12.70 10.42
N LEU A 462 9.96 -11.40 10.64
CA LEU A 462 11.05 -10.50 11.00
C LEU A 462 11.74 -10.96 12.28
N TYR A 463 10.95 -11.32 13.29
CA TYR A 463 11.54 -11.83 14.52
C TYR A 463 12.37 -13.08 14.28
N LEU A 464 11.87 -14.00 13.46
CA LEU A 464 12.61 -15.24 13.19
C LEU A 464 13.91 -14.97 12.45
N ILE A 465 13.91 -14.01 11.52
CA ILE A 465 15.14 -13.68 10.82
C ILE A 465 16.18 -13.12 11.78
N ALA A 466 15.75 -12.21 12.66
CA ALA A 466 16.68 -11.58 13.60
C ALA A 466 17.27 -12.61 14.56
N THR A 467 16.49 -13.62 14.93
CA THR A 467 16.90 -14.56 15.97
C THR A 467 17.50 -15.86 15.42
N ASN A 468 17.07 -16.33 14.25
CA ASN A 468 17.66 -17.53 13.65
C ASN A 468 18.91 -17.24 12.82
N GLY A 469 18.99 -16.08 12.18
CA GLY A 469 20.08 -15.79 11.27
C GLY A 469 19.98 -16.59 9.98
N THR A 470 21.03 -17.33 9.61
CA THR A 470 21.00 -18.12 8.38
C THR A 470 19.86 -19.13 8.49
N PRO A 471 18.91 -19.14 7.54
CA PRO A 471 17.79 -20.07 7.64
C PRO A 471 18.20 -21.50 7.30
N GLU A 472 17.42 -22.44 7.83
CA GLU A 472 17.58 -23.87 7.58
C GLU A 472 16.77 -24.31 6.36
N LEU A 473 17.39 -25.15 5.53
CA LEU A 473 16.65 -25.87 4.48
C LEU A 473 15.90 -27.05 5.08
N GLN A 474 14.75 -27.37 4.47
CA GLN A 474 13.99 -28.52 4.93
C GLN A 474 14.72 -29.83 4.64
N ASN A 475 15.38 -29.94 3.49
CA ASN A 475 16.08 -31.17 3.09
C ASN A 475 17.40 -30.84 2.43
N PRO A 476 18.39 -30.42 3.21
CA PRO A 476 19.67 -30.00 2.61
C PRO A 476 20.38 -31.14 1.91
N GLU A 477 20.10 -32.38 2.31
CA GLU A 477 20.75 -33.54 1.71
C GLU A 477 20.38 -33.70 0.24
N LYS A 478 19.30 -33.07 -0.22
CA LYS A 478 18.93 -33.14 -1.63
C LYS A 478 19.75 -32.22 -2.52
N LEU A 479 20.62 -31.38 -1.96
CA LEU A 479 21.39 -30.41 -2.72
C LEU A 479 22.81 -30.90 -2.97
N SER A 480 23.35 -30.55 -4.13
CA SER A 480 24.75 -30.89 -4.37
C SER A 480 25.65 -30.14 -3.40
N ALA A 481 26.85 -30.66 -3.20
CA ALA A 481 27.81 -29.99 -2.33
C ALA A 481 28.07 -28.57 -2.82
N ILE A 482 28.23 -28.39 -4.14
CA ILE A 482 28.58 -27.06 -4.63
C ILE A 482 27.41 -26.08 -4.49
N PHE A 483 26.17 -26.57 -4.69
CA PHE A 483 25.01 -25.70 -4.48
C PHE A 483 24.90 -25.28 -3.02
N ARG A 484 25.09 -26.21 -2.09
CA ARG A 484 25.03 -25.85 -0.68
C ARG A 484 26.08 -24.79 -0.35
N ASP A 485 27.27 -24.91 -0.94
CA ASP A 485 28.31 -23.93 -0.65
C ASP A 485 27.92 -22.56 -1.19
N PHE A 486 27.38 -22.54 -2.40
CA PHE A 486 26.86 -21.29 -2.97
C PHE A 486 25.82 -20.65 -2.07
N LEU A 487 24.86 -21.44 -1.59
CA LEU A 487 23.87 -20.90 -0.66
C LEU A 487 24.51 -20.37 0.61
N ASN A 488 25.44 -21.13 1.19
CA ASN A 488 26.09 -20.68 2.43
C ASN A 488 26.77 -19.33 2.25
N ARG A 489 27.41 -19.13 1.09
CA ARG A 489 28.11 -17.87 0.83
C ARG A 489 27.15 -16.72 0.60
N CYS A 490 25.94 -16.99 0.06
CA CYS A 490 24.94 -15.92 -0.07
C CYS A 490 24.31 -15.59 1.27
N LEU A 491 24.14 -16.57 2.15
CA LEU A 491 23.37 -16.39 3.38
C LEU A 491 24.25 -16.33 4.62
N GLU A 492 25.51 -15.94 4.44
CA GLU A 492 26.44 -15.81 5.55
C GLU A 492 26.05 -14.64 6.47
N MET A 493 26.07 -14.88 7.78
CA MET A 493 25.74 -13.83 8.75
C MET A 493 26.80 -12.75 8.77
N ASP A 494 28.07 -13.14 8.67
CA ASP A 494 29.17 -12.19 8.65
C ASP A 494 29.21 -11.51 7.30
N VAL A 495 28.86 -10.22 7.27
CA VAL A 495 28.78 -9.49 6.00
C VAL A 495 30.13 -9.50 5.28
N GLU A 496 31.22 -9.42 6.05
CA GLU A 496 32.56 -9.50 5.46
C GLU A 496 32.77 -10.83 4.76
N LYS A 497 32.24 -11.91 5.31
CA LYS A 497 32.42 -13.24 4.72
C LYS A 497 31.43 -13.51 3.60
N ARG A 498 30.27 -12.84 3.61
CA ARG A 498 29.28 -13.04 2.57
C ARG A 498 29.87 -12.64 1.22
N GLY A 499 29.51 -13.36 0.17
CA GLY A 499 30.07 -13.08 -1.13
C GLY A 499 29.57 -11.76 -1.71
N SER A 500 30.45 -11.08 -2.43
CA SER A 500 30.00 -10.00 -3.29
C SER A 500 29.44 -10.59 -4.59
N ALA A 501 28.71 -9.77 -5.33
CA ALA A 501 28.22 -10.25 -6.62
C ALA A 501 29.38 -10.61 -7.54
N LYS A 502 30.42 -9.78 -7.56
CA LYS A 502 31.58 -10.08 -8.40
C LYS A 502 32.21 -11.40 -8.00
N GLU A 503 32.30 -11.66 -6.70
CA GLU A 503 32.90 -12.92 -6.23
C GLU A 503 32.03 -14.11 -6.60
N LEU A 504 30.71 -14.01 -6.36
CA LEU A 504 29.82 -15.14 -6.59
C LEU A 504 29.66 -15.47 -8.07
N LEU A 505 29.92 -14.53 -8.97
CA LEU A 505 29.92 -14.84 -10.39
C LEU A 505 31.02 -15.81 -10.79
N GLN A 506 32.03 -16.00 -9.94
CA GLN A 506 33.08 -16.99 -10.17
C GLN A 506 32.81 -18.33 -9.48
N HIS A 507 31.69 -18.46 -8.76
CA HIS A 507 31.45 -19.66 -7.96
C HIS A 507 31.25 -20.89 -8.84
N GLN A 508 31.79 -22.04 -8.39
CA GLN A 508 31.69 -23.27 -9.17
C GLN A 508 30.25 -23.64 -9.48
N PHE A 509 29.31 -23.30 -8.60
CA PHE A 509 27.91 -23.67 -8.81
C PHE A 509 27.38 -23.13 -10.13
N LEU A 510 27.79 -21.91 -10.49
CA LEU A 510 27.30 -21.34 -11.74
C LEU A 510 27.82 -22.10 -12.96
N LYS A 511 28.87 -22.90 -12.81
CA LYS A 511 29.40 -23.59 -13.97
C LYS A 511 28.52 -24.75 -14.43
N ILE A 512 27.55 -25.18 -13.62
CA ILE A 512 26.62 -26.22 -14.04
C ILE A 512 25.37 -25.63 -14.67
N ALA A 513 25.36 -24.31 -14.88
CA ALA A 513 24.17 -23.65 -15.43
C ALA A 513 23.82 -24.21 -16.80
N LYS A 514 22.53 -24.50 -17.01
CA LYS A 514 22.02 -24.84 -18.33
C LYS A 514 21.81 -23.56 -19.14
N PRO A 515 21.69 -23.67 -20.47
CA PRO A 515 21.37 -22.48 -21.27
C PRO A 515 20.01 -21.93 -20.90
N LEU A 516 19.82 -20.62 -21.14
CA LEU A 516 18.57 -20.00 -20.72
C LEU A 516 17.36 -20.57 -21.45
N SER A 517 17.56 -21.17 -22.63
CA SER A 517 16.45 -21.84 -23.30
C SER A 517 15.83 -22.94 -22.44
N SER A 518 16.61 -23.52 -21.51
CA SER A 518 16.07 -24.54 -20.61
C SER A 518 14.94 -24.02 -19.74
N LEU A 519 14.79 -22.70 -19.62
CA LEU A 519 13.72 -22.17 -18.79
C LEU A 519 12.37 -22.11 -19.50
N THR A 520 12.34 -22.21 -20.83
CA THR A 520 11.07 -21.97 -21.49
C THR A 520 10.04 -23.08 -21.21
N PRO A 521 10.44 -24.34 -20.99
CA PRO A 521 9.43 -25.31 -20.57
C PRO A 521 8.84 -24.97 -19.21
N LEU A 522 9.64 -24.41 -18.31
CA LEU A 522 9.12 -23.97 -17.01
C LEU A 522 8.10 -22.84 -17.19
N ILE A 523 8.40 -21.90 -18.08
CA ILE A 523 7.45 -20.82 -18.36
C ILE A 523 6.14 -21.38 -18.89
N ALA A 524 6.23 -22.38 -19.78
CA ALA A 524 5.02 -23.00 -20.31
C ALA A 524 4.22 -23.68 -19.20
N ALA A 525 4.91 -24.37 -18.28
CA ALA A 525 4.22 -25.02 -17.17
C ALA A 525 3.56 -24.01 -16.25
N ALA A 526 4.26 -22.93 -15.94
CA ALA A 526 3.70 -21.90 -15.08
C ALA A 526 2.45 -21.27 -15.70
N LYS A 527 2.50 -20.99 -17.01
CA LYS A 527 1.32 -20.43 -17.67
C LYS A 527 0.15 -21.40 -17.63
N GLU A 528 0.40 -22.69 -17.88
CA GLU A 528 -0.67 -23.67 -17.79
C GLU A 528 -1.22 -23.77 -16.38
N ALA A 529 -0.33 -23.72 -15.38
CA ALA A 529 -0.78 -23.87 -14.01
C ALA A 529 -1.60 -22.67 -13.55
N THR A 530 -1.26 -21.49 -14.05
CA THR A 530 -1.94 -20.27 -13.62
C THR A 530 -3.21 -20.00 -14.41
N LYS A 531 -3.58 -20.91 -15.31
CA LYS A 531 -4.87 -20.92 -15.97
C LYS A 531 -5.77 -22.02 -15.43
N ASN A 532 -5.20 -23.00 -14.72
CA ASN A 532 -5.95 -24.06 -14.05
C ASN A 532 -6.28 -23.71 -12.61
N ASN A 533 -5.50 -22.83 -11.97
CA ASN A 533 -5.92 -22.22 -10.71
C ASN A 533 -7.07 -21.25 -10.90
N HIS A 534 -7.42 -20.94 -12.15
CA HIS A 534 -8.47 -19.99 -12.47
C HIS A 534 -9.68 -20.70 -13.08
N GLU B 244 -32.23 -9.53 -9.55
CA GLU B 244 -32.75 -8.19 -9.71
C GLU B 244 -32.95 -7.51 -8.37
N LYS B 245 -32.20 -7.96 -7.36
CA LYS B 245 -32.15 -7.24 -6.09
C LYS B 245 -31.68 -5.81 -6.29
N LEU B 246 -30.86 -5.60 -7.32
CA LEU B 246 -30.43 -4.26 -7.71
C LEU B 246 -31.64 -3.35 -7.91
N ARG B 247 -32.70 -3.85 -8.56
CA ARG B 247 -33.88 -3.04 -8.82
C ARG B 247 -34.52 -2.53 -7.52
N SER B 248 -34.43 -3.30 -6.43
CA SER B 248 -35.05 -2.87 -5.19
C SER B 248 -34.33 -1.68 -4.58
N ILE B 249 -33.04 -1.53 -4.85
CA ILE B 249 -32.23 -0.45 -4.28
C ILE B 249 -32.07 0.72 -5.24
N VAL B 250 -32.65 0.65 -6.43
CA VAL B 250 -32.46 1.67 -7.46
C VAL B 250 -33.75 2.45 -7.60
N SER B 251 -33.67 3.76 -7.40
CA SER B 251 -34.75 4.66 -7.77
C SER B 251 -34.91 4.70 -9.29
N VAL B 252 -36.09 5.12 -9.73
CA VAL B 252 -36.40 5.06 -11.16
C VAL B 252 -36.24 6.40 -11.87
N GLY B 253 -36.07 7.50 -11.15
CA GLY B 253 -35.91 8.80 -11.77
C GLY B 253 -34.64 8.96 -12.60
N ASP B 254 -34.49 10.13 -13.21
CA ASP B 254 -33.27 10.46 -13.93
C ASP B 254 -32.39 11.31 -13.03
N PRO B 255 -31.27 10.80 -12.50
CA PRO B 255 -30.43 11.63 -11.63
C PRO B 255 -29.82 12.82 -12.35
N LYS B 256 -29.69 12.75 -13.67
CA LYS B 256 -29.17 13.89 -14.43
C LYS B 256 -30.16 15.05 -14.44
N LYS B 257 -31.44 14.77 -14.20
CA LYS B 257 -32.48 15.77 -14.03
C LYS B 257 -32.61 16.26 -12.60
N LYS B 258 -32.32 15.41 -11.63
CA LYS B 258 -32.56 15.72 -10.23
C LYS B 258 -31.40 16.48 -9.59
N TYR B 259 -30.21 16.39 -10.18
CA TYR B 259 -29.00 16.96 -9.60
C TYR B 259 -28.31 17.83 -10.65
N THR B 260 -27.64 18.89 -10.19
CA THR B 260 -26.91 19.77 -11.09
C THR B 260 -25.60 20.19 -10.43
N ARG B 261 -24.79 20.96 -11.18
N ARG B 261 -24.82 20.98 -11.19
CA ARG B 261 -23.48 21.42 -10.72
CA ARG B 261 -23.46 21.41 -10.80
C ARG B 261 -22.60 20.24 -10.29
C ARG B 261 -22.62 20.24 -10.31
N PHE B 262 -22.44 19.27 -11.20
CA PHE B 262 -21.56 18.14 -10.93
C PHE B 262 -20.10 18.60 -10.92
N GLU B 263 -19.38 18.23 -9.87
CA GLU B 263 -17.97 18.61 -9.71
C GLU B 263 -17.19 17.42 -9.19
N LYS B 264 -16.14 17.03 -9.92
CA LYS B 264 -15.35 15.89 -9.47
C LYS B 264 -14.49 16.32 -8.30
N ILE B 265 -14.47 15.51 -7.24
CA ILE B 265 -13.69 15.79 -6.04
C ILE B 265 -12.75 14.66 -5.67
N GLY B 266 -12.69 13.60 -6.46
CA GLY B 266 -11.82 12.48 -6.14
C GLY B 266 -12.05 11.28 -7.03
N GLN B 267 -11.03 10.43 -7.12
CA GLN B 267 -11.08 9.20 -7.90
C GLN B 267 -10.56 8.09 -7.00
N GLY B 268 -11.34 7.05 -6.82
CA GLY B 268 -10.97 5.95 -5.95
C GLY B 268 -11.08 4.60 -6.64
N ALA B 269 -10.66 3.57 -5.92
CA ALA B 269 -10.83 2.21 -6.42
C ALA B 269 -12.28 1.81 -6.53
N SER B 270 -13.15 2.40 -5.69
CA SER B 270 -14.58 2.14 -5.76
C SER B 270 -15.28 2.91 -6.89
N GLY B 271 -14.65 3.92 -7.47
CA GLY B 271 -15.21 4.69 -8.55
C GLY B 271 -14.87 6.16 -8.41
N THR B 272 -15.57 6.99 -9.19
CA THR B 272 -15.36 8.43 -9.21
C THR B 272 -16.42 9.11 -8.35
N VAL B 273 -15.99 10.06 -7.53
CA VAL B 273 -16.86 10.75 -6.60
C VAL B 273 -17.02 12.19 -7.05
N TYR B 274 -18.28 12.63 -7.17
CA TYR B 274 -18.61 14.00 -7.53
C TYR B 274 -19.38 14.66 -6.39
N THR B 275 -19.35 15.98 -6.36
CA THR B 275 -20.34 16.75 -5.65
C THR B 275 -21.38 17.26 -6.63
N ALA B 276 -22.59 17.48 -6.13
CA ALA B 276 -23.68 17.97 -6.96
C ALA B 276 -24.71 18.59 -6.02
N MET B 277 -25.77 19.15 -6.59
CA MET B 277 -26.80 19.79 -5.79
C MET B 277 -28.18 19.32 -6.23
N ASP B 278 -29.03 18.97 -5.27
CA ASP B 278 -30.42 18.67 -5.53
C ASP B 278 -31.15 19.89 -6.08
N VAL B 279 -31.72 19.74 -7.28
CA VAL B 279 -32.33 20.87 -7.98
C VAL B 279 -33.61 21.36 -7.30
N ALA B 280 -34.30 20.50 -6.55
CA ALA B 280 -35.54 20.89 -5.90
C ALA B 280 -35.33 21.41 -4.48
N THR B 281 -34.31 20.93 -3.76
CA THR B 281 -34.11 21.35 -2.37
C THR B 281 -32.85 22.13 -2.11
N GLY B 282 -31.88 22.12 -3.02
CA GLY B 282 -30.61 22.78 -2.77
C GLY B 282 -29.64 21.99 -1.91
N GLN B 283 -30.00 20.78 -1.49
CA GLN B 283 -29.08 19.96 -0.72
C GLN B 283 -27.88 19.58 -1.56
N GLU B 284 -26.69 19.74 -0.98
CA GLU B 284 -25.47 19.23 -1.59
C GLU B 284 -25.34 17.74 -1.33
N VAL B 285 -24.88 17.02 -2.35
CA VAL B 285 -24.77 15.57 -2.28
C VAL B 285 -23.40 15.16 -2.81
N ALA B 286 -22.98 13.97 -2.39
CA ALA B 286 -21.81 13.29 -2.94
C ALA B 286 -22.29 12.08 -3.73
N ILE B 287 -21.79 11.93 -4.95
CA ILE B 287 -22.26 10.87 -5.85
C ILE B 287 -21.04 10.07 -6.30
N LYS B 288 -21.04 8.78 -6.00
CA LYS B 288 -19.98 7.89 -6.45
C LYS B 288 -20.49 7.10 -7.64
N GLN B 289 -19.76 7.15 -8.74
CA GLN B 289 -20.12 6.46 -9.96
C GLN B 289 -19.22 5.26 -10.11
N MET B 290 -19.86 4.10 -10.15
CA MET B 290 -19.12 2.81 -10.28
C MET B 290 -19.77 1.93 -11.35
N ASN B 291 -18.97 1.43 -12.28
CA ASN B 291 -19.49 0.48 -13.29
C ASN B 291 -19.61 -0.89 -12.62
N LEU B 292 -20.83 -1.27 -12.26
CA LEU B 292 -21.04 -2.56 -11.58
C LEU B 292 -21.24 -3.30 -12.89
N GLN B 293 -20.14 -3.58 -13.59
CA GLN B 293 -20.24 -4.19 -14.93
C GLN B 293 -19.20 -5.23 -14.53
N GLN B 294 -19.64 -6.35 -13.97
CA GLN B 294 -18.73 -7.48 -13.64
C GLN B 294 -17.53 -7.02 -12.81
N GLN B 295 -17.62 -5.89 -12.11
CA GLN B 295 -16.52 -5.55 -11.18
C GLN B 295 -16.50 -6.65 -10.12
N PRO B 296 -15.34 -7.24 -9.79
CA PRO B 296 -15.28 -8.36 -8.86
C PRO B 296 -16.22 -8.26 -7.66
N LYS B 297 -16.97 -9.32 -7.35
CA LYS B 297 -17.76 -9.25 -6.13
C LYS B 297 -18.62 -7.99 -6.09
N LYS B 298 -19.54 -7.92 -7.05
CA LYS B 298 -20.51 -6.83 -7.07
C LYS B 298 -21.55 -6.99 -5.96
N GLU B 299 -21.89 -8.23 -5.62
CA GLU B 299 -22.88 -8.49 -4.57
C GLU B 299 -22.48 -7.89 -3.22
N LEU B 300 -21.18 -7.86 -2.89
CA LEU B 300 -20.79 -7.22 -1.65
C LEU B 300 -21.07 -5.73 -1.70
N ILE B 301 -20.79 -5.10 -2.84
CA ILE B 301 -21.08 -3.69 -3.01
C ILE B 301 -22.59 -3.45 -2.94
N ILE B 302 -23.37 -4.34 -3.57
CA ILE B 302 -24.83 -4.22 -3.56
C ILE B 302 -25.36 -4.40 -2.14
N ASN B 303 -24.97 -5.48 -1.47
CA ASN B 303 -25.47 -5.75 -0.13
C ASN B 303 -25.09 -4.63 0.83
N GLU B 304 -23.85 -4.16 0.76
CA GLU B 304 -23.43 -3.01 1.55
C GLU B 304 -24.37 -1.83 1.39
N ILE B 305 -24.83 -1.57 0.17
CA ILE B 305 -25.79 -0.50 -0.05
C ILE B 305 -27.11 -0.85 0.63
N LEU B 306 -27.56 -2.10 0.49
CA LEU B 306 -28.79 -2.54 1.15
C LEU B 306 -28.72 -2.29 2.65
N VAL B 307 -27.57 -2.59 3.26
CA VAL B 307 -27.44 -2.44 4.70
C VAL B 307 -27.55 -0.97 5.11
N MET B 308 -26.89 -0.07 4.37
CA MET B 308 -26.92 1.34 4.76
C MET B 308 -28.33 1.93 4.69
N ARG B 309 -29.13 1.54 3.68
CA ARG B 309 -30.48 2.11 3.61
C ARG B 309 -31.33 1.71 4.81
N GLU B 310 -31.13 0.51 5.33
CA GLU B 310 -31.98 0.01 6.39
C GLU B 310 -31.49 0.39 7.78
N ASN B 311 -30.26 0.92 7.88
CA ASN B 311 -29.61 1.13 9.17
C ASN B 311 -28.92 2.50 9.19
N LYS B 312 -29.74 3.55 9.21
CA LYS B 312 -29.23 4.90 9.28
C LYS B 312 -28.96 5.31 10.73
N ASN B 313 -28.09 6.32 10.88
CA ASN B 313 -27.68 6.75 12.21
C ASN B 313 -27.19 8.18 12.14
N PRO B 314 -27.49 9.01 13.15
CA PRO B 314 -27.11 10.42 13.07
C PRO B 314 -25.61 10.64 12.90
N ASN B 315 -24.75 9.73 13.37
CA ASN B 315 -23.31 9.93 13.28
C ASN B 315 -22.67 9.14 12.15
N ILE B 316 -23.46 8.73 11.16
CA ILE B 316 -22.96 8.11 9.95
C ILE B 316 -23.49 8.94 8.78
N VAL B 317 -22.64 9.17 7.78
CA VAL B 317 -23.03 9.93 6.60
C VAL B 317 -24.25 9.31 5.94
N ASN B 318 -25.31 10.13 5.78
CA ASN B 318 -26.59 9.58 5.41
C ASN B 318 -26.59 9.16 3.95
N TYR B 319 -27.06 7.94 3.69
CA TYR B 319 -27.24 7.45 2.34
C TYR B 319 -28.60 7.93 1.83
N LEU B 320 -28.64 8.46 0.60
CA LEU B 320 -29.89 8.99 0.07
C LEU B 320 -30.55 8.08 -0.97
N ASP B 321 -29.85 7.76 -2.04
CA ASP B 321 -30.50 7.08 -3.15
C ASP B 321 -29.44 6.47 -4.06
N SER B 322 -29.89 5.65 -5.00
CA SER B 322 -28.96 5.14 -6.01
C SER B 322 -29.72 4.96 -7.31
N TYR B 323 -28.96 5.00 -8.41
CA TYR B 323 -29.52 4.98 -9.75
C TYR B 323 -28.62 4.14 -10.64
N LEU B 324 -29.23 3.40 -11.57
CA LEU B 324 -28.48 2.75 -12.63
C LEU B 324 -28.54 3.69 -13.83
N VAL B 325 -27.40 4.23 -14.22
CA VAL B 325 -27.27 5.12 -15.36
C VAL B 325 -26.37 4.43 -16.36
N GLY B 326 -26.97 3.67 -17.28
CA GLY B 326 -26.20 2.94 -18.28
C GLY B 326 -25.23 1.95 -17.68
N ASP B 327 -25.75 0.98 -16.93
CA ASP B 327 -24.93 -0.04 -16.26
C ASP B 327 -23.84 0.54 -15.38
N GLU B 328 -23.93 1.83 -15.09
CA GLU B 328 -23.16 2.41 -14.02
C GLU B 328 -24.12 2.57 -12.86
N LEU B 329 -23.64 2.29 -11.66
CA LEU B 329 -24.41 2.51 -10.46
C LEU B 329 -23.93 3.82 -9.86
N TRP B 330 -24.85 4.74 -9.64
CA TRP B 330 -24.54 6.00 -8.96
C TRP B 330 -25.11 5.91 -7.56
N VAL B 331 -24.25 6.11 -6.56
CA VAL B 331 -24.66 6.08 -5.17
C VAL B 331 -24.64 7.52 -4.69
N VAL B 332 -25.76 7.97 -4.12
CA VAL B 332 -25.90 9.38 -3.73
C VAL B 332 -25.93 9.46 -2.21
N MET B 333 -25.00 10.23 -1.65
CA MET B 333 -24.87 10.43 -0.22
C MET B 333 -25.03 11.92 0.07
N GLU B 334 -25.41 12.23 1.30
CA GLU B 334 -25.35 13.63 1.72
C GLU B 334 -23.91 14.13 1.69
N TYR B 335 -23.73 15.42 1.41
CA TYR B 335 -22.40 16.00 1.33
C TYR B 335 -22.14 16.81 2.60
N LEU B 336 -20.98 16.58 3.21
CA LEU B 336 -20.59 17.28 4.44
C LEU B 336 -19.53 18.30 4.04
N ALA B 337 -19.94 19.57 3.96
CA ALA B 337 -19.12 20.62 3.38
C ALA B 337 -18.05 21.16 4.33
N GLY B 338 -18.04 20.72 5.58
CA GLY B 338 -16.99 21.16 6.47
C GLY B 338 -15.66 20.50 6.25
N GLY B 339 -15.59 19.49 5.38
CA GLY B 339 -14.34 18.80 5.14
C GLY B 339 -14.08 17.70 6.13
N SER B 340 -12.86 17.17 6.02
CA SER B 340 -12.41 16.07 6.87
C SER B 340 -11.85 16.57 8.18
N LEU B 341 -11.83 15.68 9.18
CA LEU B 341 -11.16 16.01 10.42
C LEU B 341 -9.66 16.22 10.20
N THR B 342 -9.07 15.53 9.21
CA THR B 342 -7.63 15.67 8.95
C THR B 342 -7.25 17.12 8.69
N ASP B 343 -8.03 17.82 7.85
CA ASP B 343 -7.74 19.22 7.56
C ASP B 343 -7.80 20.09 8.81
N VAL B 344 -8.78 19.84 9.69
CA VAL B 344 -8.86 20.59 10.94
C VAL B 344 -7.65 20.29 11.80
N VAL B 345 -7.26 19.02 11.89
CA VAL B 345 -6.18 18.63 12.79
C VAL B 345 -4.87 19.26 12.34
N THR B 346 -4.65 19.37 11.03
CA THR B 346 -3.37 19.85 10.55
C THR B 346 -3.29 21.37 10.50
N GLU B 347 -4.41 22.07 10.56
CA GLU B 347 -4.40 23.51 10.38
C GLU B 347 -4.81 24.27 11.62
N THR B 348 -5.20 23.58 12.70
CA THR B 348 -5.61 24.24 13.94
C THR B 348 -4.99 23.47 15.10
N CYS B 349 -4.98 24.06 16.29
CA CYS B 349 -4.78 23.25 17.48
C CYS B 349 -6.12 23.15 18.18
N MET B 350 -6.61 21.94 18.32
CA MET B 350 -7.89 21.70 18.96
C MET B 350 -7.68 21.68 20.46
N ASP B 351 -8.62 22.25 21.20
CA ASP B 351 -8.53 22.13 22.64
C ASP B 351 -9.24 20.86 23.11
N GLU B 352 -9.06 20.52 24.39
CA GLU B 352 -9.57 19.24 24.87
C GLU B 352 -11.08 19.18 24.82
N GLY B 353 -11.77 20.32 24.98
CA GLY B 353 -13.22 20.31 24.88
C GLY B 353 -13.72 20.01 23.46
N GLN B 354 -13.02 20.53 22.46
CA GLN B 354 -13.37 20.20 21.07
C GLN B 354 -13.03 18.74 20.76
N ILE B 355 -11.90 18.25 21.25
CA ILE B 355 -11.54 16.84 21.06
C ILE B 355 -12.56 15.92 21.71
N ALA B 356 -12.98 16.25 22.95
CA ALA B 356 -13.98 15.44 23.64
C ALA B 356 -15.28 15.37 22.86
N ALA B 357 -15.68 16.48 22.25
CA ALA B 357 -16.91 16.49 21.45
C ALA B 357 -16.80 15.55 20.25
N VAL B 358 -15.68 15.62 19.53
CA VAL B 358 -15.46 14.73 18.38
C VAL B 358 -15.46 13.27 18.84
N CYS B 359 -14.72 12.97 19.91
CA CYS B 359 -14.67 11.61 20.42
C CYS B 359 -16.04 11.07 20.79
N ARG B 360 -16.88 11.90 21.42
CA ARG B 360 -18.21 11.45 21.79
C ARG B 360 -19.04 11.11 20.57
N GLU B 361 -19.02 11.97 19.54
CA GLU B 361 -19.82 11.71 18.35
C GLU B 361 -19.36 10.45 17.65
N CYS B 362 -18.05 10.23 17.59
CA CYS B 362 -17.52 9.02 16.97
C CYS B 362 -17.89 7.79 17.81
N LEU B 363 -17.86 7.91 19.12
CA LEU B 363 -18.25 6.79 19.97
C LEU B 363 -19.73 6.44 19.80
N GLN B 364 -20.58 7.44 19.55
CA GLN B 364 -21.99 7.14 19.28
C GLN B 364 -22.13 6.32 18.00
N ALA B 365 -21.39 6.69 16.97
CA ALA B 365 -21.41 5.91 15.73
C ALA B 365 -20.90 4.49 15.97
N LEU B 366 -19.82 4.35 16.74
CA LEU B 366 -19.25 3.02 16.98
C LEU B 366 -20.18 2.14 17.81
N GLU B 367 -20.83 2.71 18.84
CA GLU B 367 -21.79 1.90 19.59
C GLU B 367 -22.88 1.36 18.68
N PHE B 368 -23.37 2.20 17.77
CA PHE B 368 -24.38 1.77 16.82
C PHE B 368 -23.84 0.65 15.93
N LEU B 369 -22.66 0.84 15.34
CA LEU B 369 -22.09 -0.18 14.46
C LEU B 369 -21.82 -1.47 15.21
N HIS B 370 -21.21 -1.38 16.38
CA HIS B 370 -20.86 -2.58 17.13
C HIS B 370 -22.10 -3.32 17.60
N SER B 371 -23.15 -2.61 18.01
CA SER B 371 -24.39 -3.27 18.38
C SER B 371 -24.96 -4.08 17.23
N ASN B 372 -24.63 -3.73 15.99
CA ASN B 372 -25.05 -4.45 14.81
C ASN B 372 -23.94 -5.35 14.25
N GLN B 373 -22.88 -5.61 15.03
CA GLN B 373 -21.82 -6.53 14.64
C GLN B 373 -21.06 -6.06 13.40
N VAL B 374 -20.93 -4.76 13.22
CA VAL B 374 -20.11 -4.19 12.14
C VAL B 374 -18.82 -3.69 12.75
N ILE B 375 -17.70 -4.09 12.17
CA ILE B 375 -16.39 -3.56 12.54
C ILE B 375 -15.95 -2.58 11.46
N HIS B 376 -15.67 -1.34 11.85
CA HIS B 376 -15.37 -0.33 10.84
C HIS B 376 -14.01 -0.57 10.20
N ARG B 377 -12.97 -0.75 11.02
CA ARG B 377 -11.59 -1.06 10.68
C ARG B 377 -10.77 0.12 10.19
N ASN B 378 -11.35 1.28 9.88
CA ASN B 378 -10.56 2.41 9.39
C ASN B 378 -11.01 3.71 10.05
N ILE B 379 -11.15 3.65 11.37
CA ILE B 379 -11.39 4.88 12.12
C ILE B 379 -10.09 5.69 12.08
N LYS B 380 -10.12 6.76 11.33
CA LYS B 380 -8.96 7.65 11.21
C LYS B 380 -9.49 8.96 10.68
N SER B 381 -8.65 10.00 10.79
CA SER B 381 -9.15 11.36 10.59
C SER B 381 -9.69 11.63 9.18
N ASP B 382 -9.16 10.94 8.16
N ASP B 382 -9.18 10.95 8.16
CA ASP B 382 -9.65 11.11 6.79
CA ASP B 382 -9.70 11.23 6.82
C ASP B 382 -11.09 10.69 6.65
C ASP B 382 -11.02 10.54 6.53
N ASN B 383 -11.54 9.73 7.46
CA ASN B 383 -12.86 9.14 7.36
C ASN B 383 -13.86 9.75 8.33
N ILE B 384 -13.50 10.83 9.02
CA ILE B 384 -14.41 11.60 9.85
C ILE B 384 -14.73 12.87 9.07
N LEU B 385 -15.99 13.09 8.73
CA LEU B 385 -16.39 14.28 7.99
C LEU B 385 -17.19 15.23 8.88
N LEU B 386 -17.07 16.53 8.62
CA LEU B 386 -17.71 17.56 9.42
C LEU B 386 -18.78 18.32 8.64
N GLY B 387 -19.91 18.58 9.29
CA GLY B 387 -20.93 19.42 8.71
C GLY B 387 -20.69 20.87 9.06
N MET B 388 -21.31 21.76 8.27
CA MET B 388 -21.14 23.20 8.50
C MET B 388 -21.76 23.65 9.82
N ASP B 389 -22.59 22.82 10.45
CA ASP B 389 -23.10 23.11 11.78
C ASP B 389 -22.29 22.45 12.87
N GLY B 390 -21.12 21.89 12.54
CA GLY B 390 -20.32 21.16 13.50
C GLY B 390 -20.67 19.69 13.65
N SER B 391 -21.57 19.16 12.82
N SER B 391 -21.58 19.17 12.82
CA SER B 391 -21.90 17.75 12.92
CA SER B 391 -21.89 17.75 12.86
C SER B 391 -20.69 16.89 12.54
C SER B 391 -20.64 16.92 12.60
N VAL B 392 -20.60 15.72 13.18
CA VAL B 392 -19.45 14.82 13.06
C VAL B 392 -19.99 13.45 12.67
N LYS B 393 -19.52 12.92 11.54
CA LYS B 393 -20.06 11.65 11.03
C LYS B 393 -18.96 10.79 10.40
N LEU B 394 -19.10 9.47 10.54
CA LEU B 394 -18.21 8.52 9.86
C LEU B 394 -18.71 8.38 8.43
N THR B 395 -17.78 8.25 7.47
CA THR B 395 -18.24 8.34 6.08
C THR B 395 -18.98 7.09 5.61
N ASP B 396 -18.65 5.91 6.14
CA ASP B 396 -19.42 4.73 5.77
C ASP B 396 -19.32 3.71 6.90
N PHE B 397 -19.74 2.48 6.63
CA PHE B 397 -19.62 1.41 7.60
C PHE B 397 -18.25 0.76 7.57
N GLY B 398 -17.26 1.39 6.94
CA GLY B 398 -16.01 0.70 6.73
C GLY B 398 -15.92 -0.02 5.40
N PHE B 399 -16.93 0.11 4.55
CA PHE B 399 -16.99 -0.51 3.21
C PHE B 399 -16.83 -2.03 3.32
N SER B 408 -1.24 -8.79 0.57
CA SER B 408 -0.48 -10.01 0.38
C SER B 408 0.79 -9.99 1.21
N LYS B 409 1.09 -11.11 1.86
CA LYS B 409 2.35 -11.24 2.59
C LYS B 409 3.55 -11.04 1.68
N ARG B 410 3.39 -11.21 0.37
CA ARG B 410 4.49 -11.08 -0.58
C ARG B 410 4.70 -9.64 -1.04
N SER B 411 3.80 -8.73 -0.70
CA SER B 411 3.88 -7.35 -1.18
C SER B 411 4.60 -6.47 -0.17
N GLU B 412 5.21 -5.40 -0.69
CA GLU B 412 5.87 -4.40 0.14
C GLU B 412 4.84 -3.52 0.81
N MET B 413 5.15 -3.07 2.02
CA MET B 413 4.34 -2.04 2.67
C MET B 413 4.87 -0.67 2.25
N VAL B 414 3.99 0.16 1.70
CA VAL B 414 4.38 1.49 1.25
C VAL B 414 3.93 2.56 2.24
N GLY B 415 2.70 2.50 2.70
CA GLY B 415 2.24 3.41 3.74
C GLY B 415 2.27 2.75 5.12
N THR B 416 2.01 3.57 6.13
CA THR B 416 1.98 3.07 7.50
C THR B 416 0.57 3.00 8.03
N PRO B 417 0.08 1.81 8.38
CA PRO B 417 -1.27 1.64 8.97
C PRO B 417 -1.29 2.04 10.44
N TYR B 418 -1.03 3.33 10.70
CA TYR B 418 -0.76 3.81 12.05
C TYR B 418 -1.96 3.65 12.98
N TRP B 419 -3.16 3.47 12.44
CA TRP B 419 -4.36 3.39 13.25
C TRP B 419 -4.70 1.97 13.69
N MET B 420 -3.94 0.98 13.25
CA MET B 420 -4.33 -0.41 13.51
C MET B 420 -3.91 -0.90 14.89
N ALA B 421 -4.83 -1.62 15.54
CA ALA B 421 -4.60 -2.19 16.85
C ALA B 421 -3.54 -3.30 16.80
N PRO B 422 -2.85 -3.55 17.92
CA PRO B 422 -1.80 -4.57 17.90
C PRO B 422 -2.31 -5.93 17.47
N GLU B 423 -3.52 -6.30 17.90
CA GLU B 423 -4.05 -7.61 17.53
C GLU B 423 -4.32 -7.70 16.03
N VAL B 424 -4.54 -6.55 15.37
CA VAL B 424 -4.68 -6.54 13.91
C VAL B 424 -3.34 -6.78 13.23
N VAL B 425 -2.32 -6.02 13.62
CA VAL B 425 -1.02 -6.09 12.95
C VAL B 425 -0.39 -7.46 13.14
N THR B 426 -0.71 -8.14 14.23
CA THR B 426 -0.21 -9.48 14.47
C THR B 426 -1.12 -10.53 13.84
N ARG B 427 -2.03 -10.10 12.95
CA ARG B 427 -2.91 -10.95 12.13
C ARG B 427 -3.68 -11.95 12.99
N LYS B 428 -4.09 -11.50 14.16
CA LYS B 428 -4.96 -12.34 14.98
C LYS B 428 -6.40 -12.11 14.57
N ALA B 429 -7.27 -13.04 14.96
CA ALA B 429 -8.69 -12.77 14.90
C ALA B 429 -9.00 -11.61 15.82
N TYR B 430 -9.82 -10.68 15.36
CA TYR B 430 -10.06 -9.47 16.13
C TYR B 430 -11.53 -9.12 16.06
N GLY B 431 -11.96 -8.21 16.95
CA GLY B 431 -13.35 -7.81 17.01
C GLY B 431 -13.55 -6.31 17.04
N PRO B 432 -14.72 -5.89 17.50
CA PRO B 432 -15.07 -4.45 17.45
C PRO B 432 -14.11 -3.55 18.20
N LYS B 433 -13.37 -4.04 19.19
CA LYS B 433 -12.55 -3.13 19.97
C LYS B 433 -11.33 -2.62 19.22
N VAL B 434 -11.03 -3.15 18.04
CA VAL B 434 -9.98 -2.54 17.23
C VAL B 434 -10.37 -1.11 16.85
N ASP B 435 -11.67 -0.84 16.73
CA ASP B 435 -12.13 0.52 16.41
C ASP B 435 -11.91 1.47 17.58
N ILE B 436 -12.00 0.96 18.81
CA ILE B 436 -11.74 1.77 20.00
C ILE B 436 -10.27 2.13 20.06
N TRP B 437 -9.40 1.17 19.75
CA TRP B 437 -7.98 1.47 19.64
C TRP B 437 -7.74 2.58 18.62
N SER B 438 -8.30 2.43 17.41
CA SER B 438 -8.08 3.43 16.36
C SER B 438 -8.60 4.79 16.81
N LEU B 439 -9.70 4.83 17.55
CA LEU B 439 -10.20 6.10 18.09
C LEU B 439 -9.19 6.75 19.02
N GLY B 440 -8.55 5.93 19.88
CA GLY B 440 -7.51 6.45 20.74
C GLY B 440 -6.35 7.06 19.96
N ILE B 441 -5.94 6.39 18.88
CA ILE B 441 -4.90 6.92 18.00
C ILE B 441 -5.34 8.25 17.40
N MET B 442 -6.61 8.35 17.00
CA MET B 442 -7.10 9.59 16.40
C MET B 442 -7.14 10.73 17.42
N ALA B 443 -7.47 10.42 18.67
CA ALA B 443 -7.45 11.45 19.71
C ALA B 443 -6.02 11.94 19.96
N ILE B 444 -5.04 11.04 19.92
CA ILE B 444 -3.65 11.48 19.97
C ILE B 444 -3.33 12.34 18.75
N GLU B 445 -3.78 11.90 17.56
CA GLU B 445 -3.58 12.74 16.37
C GLU B 445 -4.18 14.13 16.57
N MET B 446 -5.36 14.22 17.17
CA MET B 446 -6.01 15.54 17.30
C MET B 446 -5.22 16.46 18.23
N ILE B 447 -4.70 15.94 19.33
CA ILE B 447 -3.97 16.79 20.28
C ILE B 447 -2.55 17.08 19.79
N GLU B 448 -1.93 16.18 19.04
CA GLU B 448 -0.55 16.41 18.61
C GLU B 448 -0.48 17.05 17.23
N GLY B 449 -1.55 17.07 16.45
CA GLY B 449 -1.52 17.72 15.16
C GLY B 449 -1.08 16.87 13.99
N GLU B 450 -0.69 15.62 14.23
CA GLU B 450 -0.20 14.76 13.17
C GLU B 450 -0.39 13.32 13.61
N PRO B 451 -0.47 12.37 12.67
CA PRO B 451 -0.55 10.98 13.07
C PRO B 451 0.76 10.51 13.68
N PRO B 452 0.71 9.54 14.60
CA PRO B 452 1.92 8.92 15.12
C PRO B 452 2.69 8.17 14.04
N TYR B 453 3.99 7.94 14.30
CA TYR B 453 4.88 7.15 13.45
C TYR B 453 5.20 7.82 12.13
N LEU B 454 4.94 9.12 11.99
CA LEU B 454 5.08 9.78 10.70
C LEU B 454 6.51 9.68 10.16
N ASN B 455 7.51 9.73 11.04
CA ASN B 455 8.90 9.61 10.63
C ASN B 455 9.41 8.17 10.55
N GLU B 456 8.60 7.17 10.87
CA GLU B 456 9.07 5.78 10.87
C GLU B 456 8.80 5.08 9.55
N ASN B 457 9.66 4.11 9.22
CA ASN B 457 9.36 3.24 8.10
C ASN B 457 8.19 2.34 8.48
N PRO B 458 7.40 1.91 7.51
CA PRO B 458 6.20 1.13 7.85
C PRO B 458 6.49 -0.14 8.63
N LEU B 459 7.58 -0.84 8.30
CA LEU B 459 7.89 -2.08 8.99
C LEU B 459 8.27 -1.81 10.44
N ARG B 460 9.05 -0.74 10.68
CA ARG B 460 9.38 -0.36 12.05
C ARG B 460 8.14 0.03 12.83
N ALA B 461 7.24 0.81 12.21
CA ALA B 461 6.00 1.18 12.89
C ALA B 461 5.15 -0.04 13.21
N LEU B 462 5.10 -1.02 12.30
CA LEU B 462 4.37 -2.25 12.60
C LEU B 462 4.93 -2.96 13.82
N TYR B 463 6.25 -3.06 13.91
CA TYR B 463 6.85 -3.68 15.08
C TYR B 463 6.52 -2.91 16.35
N LEU B 464 6.60 -1.58 16.29
CA LEU B 464 6.31 -0.76 17.46
C LEU B 464 4.86 -0.92 17.91
N ILE B 465 3.93 -0.97 16.95
CA ILE B 465 2.53 -1.16 17.31
C ILE B 465 2.34 -2.49 18.02
N ALA B 466 2.96 -3.55 17.47
CA ALA B 466 2.78 -4.88 18.03
C ALA B 466 3.35 -4.99 19.44
N THR B 467 4.47 -4.31 19.71
CA THR B 467 5.21 -4.54 20.95
C THR B 467 5.01 -3.45 21.99
N ASN B 468 4.97 -2.18 21.58
CA ASN B 468 4.70 -1.11 22.54
C ASN B 468 3.21 -0.91 22.72
N GLY B 469 2.42 -1.19 21.69
CA GLY B 469 1.03 -0.83 21.74
C GLY B 469 0.92 0.66 21.47
N THR B 470 0.51 1.40 22.50
CA THR B 470 0.32 2.84 22.37
C THR B 470 1.60 3.52 21.87
N PRO B 471 1.49 4.45 20.93
CA PRO B 471 2.66 5.23 20.56
C PRO B 471 3.00 6.13 21.75
N GLU B 472 4.25 6.57 21.80
CA GLU B 472 4.62 7.43 22.90
C GLU B 472 4.09 8.82 22.58
N LEU B 473 3.49 9.47 23.58
CA LEU B 473 3.04 10.83 23.37
C LEU B 473 4.27 11.72 23.26
N GLN B 474 4.23 12.66 22.32
CA GLN B 474 5.37 13.57 22.16
C GLN B 474 5.50 14.50 23.36
N ASN B 475 4.38 14.94 23.92
CA ASN B 475 4.38 15.87 25.04
C ASN B 475 3.29 15.45 26.02
N PRO B 476 3.50 14.36 26.76
CA PRO B 476 2.44 13.87 27.66
C PRO B 476 2.08 14.87 28.76
N GLU B 477 2.99 15.76 29.13
CA GLU B 477 2.72 16.73 30.18
C GLU B 477 1.63 17.73 29.78
N LYS B 478 1.39 17.89 28.48
CA LYS B 478 0.43 18.84 27.97
C LYS B 478 -1.01 18.34 28.03
N LEU B 479 -1.24 17.08 28.41
CA LEU B 479 -2.59 16.52 28.44
C LEU B 479 -3.10 16.50 29.88
N SER B 480 -4.39 16.80 30.06
CA SER B 480 -4.99 16.75 31.37
C SER B 480 -5.04 15.31 31.89
N ALA B 481 -5.20 15.17 33.20
CA ALA B 481 -5.34 13.85 33.78
C ALA B 481 -6.52 13.08 33.19
N ILE B 482 -7.65 13.75 33.00
CA ILE B 482 -8.85 13.04 32.57
C ILE B 482 -8.72 12.60 31.12
N PHE B 483 -8.08 13.42 30.28
CA PHE B 483 -7.82 13.04 28.88
C PHE B 483 -6.85 11.88 28.80
N ARG B 484 -5.76 11.94 29.58
CA ARG B 484 -4.80 10.83 29.60
C ARG B 484 -5.47 9.52 30.04
N ASP B 485 -6.40 9.60 30.99
CA ASP B 485 -7.08 8.37 31.41
C ASP B 485 -7.95 7.81 30.29
N PHE B 486 -8.67 8.69 29.59
CA PHE B 486 -9.47 8.28 28.44
C PHE B 486 -8.60 7.57 27.40
N LEU B 487 -7.45 8.17 27.07
CA LEU B 487 -6.51 7.54 26.14
C LEU B 487 -6.06 6.17 26.64
N ASN B 488 -5.72 6.07 27.93
CA ASN B 488 -5.31 4.78 28.48
C ASN B 488 -6.41 3.73 28.32
N ARG B 489 -7.68 4.13 28.49
CA ARG B 489 -8.76 3.17 28.35
C ARG B 489 -8.97 2.73 26.90
N CYS B 490 -8.73 3.61 25.93
CA CYS B 490 -8.83 3.25 24.52
C CYS B 490 -7.65 2.40 24.06
N LEU B 491 -6.47 2.63 24.63
CA LEU B 491 -5.24 2.07 24.11
C LEU B 491 -4.71 0.93 24.98
N GLU B 492 -5.59 0.22 25.67
CA GLU B 492 -5.19 -0.96 26.42
C GLU B 492 -4.78 -2.06 25.45
N MET B 493 -3.62 -2.67 25.69
CA MET B 493 -3.19 -3.77 24.84
C MET B 493 -4.07 -5.00 25.07
N ASP B 494 -4.50 -5.21 26.32
CA ASP B 494 -5.39 -6.32 26.67
C ASP B 494 -6.78 -6.03 26.11
N VAL B 495 -7.19 -6.82 25.12
CA VAL B 495 -8.45 -6.56 24.44
C VAL B 495 -9.61 -6.60 25.42
N GLU B 496 -9.56 -7.55 26.37
CA GLU B 496 -10.62 -7.64 27.36
C GLU B 496 -10.68 -6.39 28.25
N LYS B 497 -9.53 -5.79 28.54
CA LYS B 497 -9.48 -4.62 29.40
C LYS B 497 -9.84 -3.34 28.67
N ARG B 498 -9.63 -3.30 27.35
CA ARG B 498 -9.93 -2.10 26.57
C ARG B 498 -11.42 -1.81 26.66
N GLY B 499 -11.76 -0.51 26.69
CA GLY B 499 -13.14 -0.12 26.82
C GLY B 499 -13.93 -0.47 25.57
N SER B 500 -15.21 -0.81 25.80
CA SER B 500 -16.15 -0.87 24.70
C SER B 500 -16.64 0.53 24.38
N ALA B 501 -17.29 0.67 23.22
CA ALA B 501 -17.89 1.97 22.89
C ALA B 501 -18.95 2.36 23.91
N LYS B 502 -19.80 1.40 24.28
CA LYS B 502 -20.83 1.68 25.27
C LYS B 502 -20.22 2.13 26.60
N GLU B 503 -19.14 1.48 27.02
CA GLU B 503 -18.50 1.87 28.28
C GLU B 503 -17.85 3.24 28.17
N LEU B 504 -17.15 3.50 27.07
CA LEU B 504 -16.45 4.77 26.94
C LEU B 504 -17.38 5.95 26.78
N LEU B 505 -18.62 5.73 26.31
CA LEU B 505 -19.58 6.82 26.25
C LEU B 505 -19.93 7.36 27.63
N GLN B 506 -19.62 6.61 28.69
CA GLN B 506 -19.80 7.07 30.07
C GLN B 506 -18.57 7.74 30.66
N HIS B 507 -17.46 7.82 29.92
CA HIS B 507 -16.21 8.31 30.51
C HIS B 507 -16.30 9.80 30.82
N GLN B 508 -15.69 10.21 31.95
CA GLN B 508 -15.78 11.62 32.38
C GLN B 508 -15.19 12.58 31.35
N PHE B 509 -14.17 12.14 30.61
CA PHE B 509 -13.53 13.04 29.65
C PHE B 509 -14.55 13.60 28.66
N LEU B 510 -15.54 12.79 28.27
CA LEU B 510 -16.52 13.27 27.31
C LEU B 510 -17.38 14.39 27.90
N LYS B 511 -17.45 14.49 29.22
CA LYS B 511 -18.31 15.49 29.83
C LYS B 511 -17.73 16.90 29.77
N ILE B 512 -16.47 17.07 29.36
CA ILE B 512 -15.95 18.41 29.14
C ILE B 512 -16.18 18.85 27.70
N ALA B 513 -16.93 18.04 26.93
CA ALA B 513 -17.15 18.37 25.52
C ALA B 513 -17.79 19.73 25.38
N LYS B 514 -17.25 20.53 24.47
CA LYS B 514 -17.89 21.78 24.07
C LYS B 514 -19.04 21.49 23.11
N PRO B 515 -19.97 22.43 22.93
CA PRO B 515 -21.02 22.22 21.93
C PRO B 515 -20.42 22.08 20.55
N LEU B 516 -21.13 21.35 19.67
CA LEU B 516 -20.56 21.10 18.36
C LEU B 516 -20.38 22.38 17.56
N SER B 517 -21.13 23.43 17.90
CA SER B 517 -20.93 24.73 17.25
C SER B 517 -19.50 25.22 17.44
N SER B 518 -18.83 24.79 18.51
CA SER B 518 -17.43 25.14 18.75
C SER B 518 -16.52 24.60 17.66
N LEU B 519 -16.99 23.65 16.85
CA LEU B 519 -16.13 23.17 15.77
C LEU B 519 -16.17 24.06 14.54
N THR B 520 -17.20 24.93 14.39
CA THR B 520 -17.30 25.63 13.11
C THR B 520 -16.17 26.65 12.92
N PRO B 521 -15.64 27.28 13.97
CA PRO B 521 -14.46 28.12 13.74
C PRO B 521 -13.27 27.30 13.28
N LEU B 522 -13.15 26.04 13.73
CA LEU B 522 -12.06 25.20 13.25
C LEU B 522 -12.20 24.95 11.76
N ILE B 523 -13.41 24.68 11.30
CA ILE B 523 -13.67 24.50 9.88
C ILE B 523 -13.29 25.76 9.10
N ALA B 524 -13.66 26.92 9.63
CA ALA B 524 -13.34 28.17 8.95
C ALA B 524 -11.83 28.34 8.79
N ALA B 525 -11.08 28.01 9.85
CA ALA B 525 -9.61 28.10 9.80
C ALA B 525 -9.05 27.14 8.76
N ALA B 526 -9.53 25.90 8.78
CA ALA B 526 -9.01 24.90 7.84
C ALA B 526 -9.25 25.31 6.40
N LYS B 527 -10.46 25.81 6.09
CA LYS B 527 -10.75 26.28 4.73
C LYS B 527 -9.86 27.46 4.34
N GLU B 528 -9.67 28.41 5.26
CA GLU B 528 -8.77 29.52 4.97
C GLU B 528 -7.35 29.03 4.73
N ALA B 529 -6.89 28.06 5.53
CA ALA B 529 -5.50 27.60 5.41
C ALA B 529 -5.28 26.78 4.15
N THR B 530 -6.26 26.00 3.73
CA THR B 530 -6.12 25.15 2.53
C THR B 530 -6.56 25.85 1.26
N LYS B 531 -7.03 27.08 1.34
CA LYS B 531 -7.36 27.89 0.17
C LYS B 531 -6.38 29.03 -0.05
N3 A1BV1 C . 5.53 -8.73 -18.00
C4 A1BV1 C . 5.99 -7.49 -17.59
C6 A1BV1 C . 7.49 -5.74 -17.84
C7 A1BV1 C . 6.86 -5.08 -16.77
C8 A1BV1 C . 7.32 -3.80 -16.33
C10 A1BV1 C . 5.52 -3.90 -14.67
N12 A1BV1 C . 5.12 -5.12 -15.09
C13 A1BV1 C . 5.76 -5.71 -16.13
C15 A1BV1 C . 4.00 -5.78 -14.44
C21 A1BV1 C . 7.09 -1.90 -14.76
C22 A1BV1 C . 8.11 -1.82 -13.82
C24 A1BV1 C . 7.83 0.57 -13.73
C26 A1BV1 C . 6.43 -0.76 -15.15
C1 A1BV1 C . 4.88 -10.04 -16.04
C16 A1BV1 C . 4.53 -6.85 -13.47
C18 A1BV1 C . 5.94 -7.11 -11.52
C19 A1BV1 C . 6.56 -6.29 -10.39
C2 A1BV1 C . 4.39 -9.27 -17.26
C23 A1BV1 C . 8.48 -0.59 -13.33
C25 A1BV1 C . 6.79 0.48 -14.67
C30 A1BV1 C . 9.55 2.39 -13.44
C31 A1BV1 C . 9.40 3.90 -13.07
C32 A1BV1 C . 8.20 3.88 -12.10
C33 A1BV1 C . 7.45 2.61 -12.48
C9 A1BV1 C . 6.66 -3.21 -15.30
F28 A1BV1 C . 6.13 1.57 -15.09
N14 A1BV1 C . 5.36 -6.91 -16.59
N20 A1BV1 C . 5.55 -5.44 -9.77
N29 A1BV1 C . 8.23 1.81 -13.21
N5 A1BV1 C . 7.04 -6.93 -18.21
O11 A1BV1 C . 4.93 -3.37 -13.75
O17 A1BV1 C . 5.42 -6.24 -12.54
O34 A1BV1 C . 6.32 2.37 -12.13
CL27 A1BV1 C . 5.16 -0.86 -16.32
N3 A1BV1 D . -17.47 15.92 2.08
C4 A1BV1 D . -18.01 14.67 1.84
C6 A1BV1 D . -19.78 13.23 2.07
C7 A1BV1 D . -19.07 12.25 1.39
C8 A1BV1 D . -19.60 10.95 1.18
C10 A1BV1 D . -17.51 10.40 0.05
N12 A1BV1 D . -17.02 11.62 0.29
C13 A1BV1 D . -17.76 12.56 0.96
C15 A1BV1 D . -15.69 11.97 -0.21
C21 A1BV1 D . -19.33 8.64 0.32
C22 A1BV1 D . -19.42 7.78 1.41
C24 A1BV1 D . -20.29 6.05 0.01
C26 A1BV1 D . -19.75 8.19 -0.94
C1 A1BV1 D . -15.17 15.77 2.87
C16 A1BV1 D . -14.65 11.92 0.93
C18 A1BV1 D . -13.63 10.53 2.58
C19 A1BV1 D . -13.47 9.05 2.94
C2 A1BV1 D . -16.08 16.17 1.71
C23 A1BV1 D . -19.88 6.49 1.27
C25 A1BV1 D . -20.21 6.89 -1.09
C30 A1BV1 D . -21.88 4.20 0.67
C31 A1BV1 D . -22.27 2.84 0.06
C32 A1BV1 D . -21.06 2.51 -0.85
C33 A1BV1 D . -20.28 3.81 -0.99
C9 A1BV1 D . -18.83 10.02 0.53
F28 A1BV1 D . -20.61 6.45 -2.32
N14 A1BV1 D . -17.28 13.77 1.20
N20 A1BV1 D . -13.06 8.30 1.73
N29 A1BV1 D . -20.77 4.74 -0.15
N5 A1BV1 D . -19.23 14.41 2.27
O11 A1BV1 D . -16.86 9.58 -0.56
O17 A1BV1 D . -14.65 10.63 1.57
O34 A1BV1 D . -19.37 3.97 -1.77
CL27 A1BV1 D . -19.66 9.23 -2.32
#